data_7LRK
#
_entry.id   7LRK
#
_cell.length_a   58.310
_cell.length_b   27.070
_cell.length_c   76.720
_cell.angle_alpha   90.000
_cell.angle_beta   93.670
_cell.angle_gamma   90.000
#
_symmetry.space_group_name_H-M   'P 1 21 1'
#
loop_
_entity.id
_entity.type
_entity.pdbx_description
1 polymer 'Nucleosome-remodeling factor subunit BPTF'
2 non-polymer 4-chloranyl-2-methyl-5-[[(3~{S})-pyrrolidin-3-yl]amino]pyridazin-3-one
3 non-polymer 1,2-ETHANEDIOL
4 water water
#
_entity_poly.entity_id   1
_entity_poly.type   'polypeptide(L)'
_entity_poly.pdbx_seq_one_letter_code
;SMSTEDAMTVLTPLTEKDYEGLKRVLRSLQAHKMAWPFLEPVDPNDAPDYYGVIKEPMDLATMEERVQRRYYEKLTEFVA
DMTKIFDNCRYYNPSDSPFYQCAEVLESFFVQKLKGFKASRSH
;
_entity_poly.pdbx_strand_id   A,B
#
# COMPACT_ATOMS: atom_id res chain seq x y z
N THR A 4 3.89 4.72 3.53
CA THR A 4 4.31 5.49 2.38
C THR A 4 3.13 5.77 1.44
N GLU A 5 3.27 6.80 0.62
CA GLU A 5 2.20 7.16 -0.30
C GLU A 5 1.98 6.07 -1.35
N ASP A 6 3.03 5.34 -1.73
CA ASP A 6 2.86 4.23 -2.68
C ASP A 6 1.96 3.14 -2.10
N ALA A 7 2.25 2.71 -0.87
CA ALA A 7 1.45 1.66 -0.25
C ALA A 7 0.03 2.15 0.01
N MET A 8 -0.11 3.38 0.52
CA MET A 8 -1.44 3.98 0.70
C MET A 8 -2.22 3.97 -0.60
N THR A 9 -1.56 4.29 -1.71
CA THR A 9 -2.23 4.36 -3.00
C THR A 9 -2.79 3.00 -3.40
N VAL A 10 -2.01 1.93 -3.18
CA VAL A 10 -2.44 0.59 -3.57
C VAL A 10 -3.44 0.00 -2.60
N LEU A 11 -3.27 0.25 -1.30
CA LEU A 11 -3.88 -0.59 -0.29
C LEU A 11 -4.97 0.07 0.54
N THR A 12 -4.95 1.39 0.70
CA THR A 12 -5.84 2.04 1.67
C THR A 12 -7.16 2.41 1.00
N PRO A 13 -8.30 1.90 1.47
CA PRO A 13 -9.58 2.22 0.83
C PRO A 13 -9.85 3.72 0.78
N LEU A 14 -10.50 4.14 -0.29
CA LEU A 14 -10.89 5.54 -0.44
C LEU A 14 -12.02 5.87 0.51
N THR A 15 -11.83 6.91 1.31
CA THR A 15 -12.84 7.40 2.25
C THR A 15 -13.72 8.44 1.56
N GLU A 16 -14.75 8.90 2.27
CA GLU A 16 -15.57 9.97 1.72
C GLU A 16 -14.77 11.26 1.52
N LYS A 17 -13.88 11.57 2.47
CA LYS A 17 -12.99 12.71 2.30
C LYS A 17 -12.09 12.53 1.08
N ASP A 18 -11.58 11.31 0.87
CA ASP A 18 -10.79 11.03 -0.33
C ASP A 18 -11.61 11.32 -1.58
N TYR A 19 -12.88 10.92 -1.58
CA TYR A 19 -13.70 11.12 -2.78
C TYR A 19 -13.91 12.58 -3.11
N GLU A 20 -14.02 13.44 -2.09
CA GLU A 20 -14.10 14.87 -2.37
C GLU A 20 -12.83 15.36 -3.05
N GLY A 21 -11.67 14.83 -2.64
CA GLY A 21 -10.44 15.18 -3.32
C GLY A 21 -10.38 14.67 -4.75
N LEU A 22 -10.88 13.45 -4.99
CA LEU A 22 -10.91 12.91 -6.36
C LEU A 22 -11.79 13.77 -7.25
N LYS A 23 -12.92 14.23 -6.72
CA LYS A 23 -13.78 15.10 -7.52
C LYS A 23 -13.06 16.39 -7.89
N ARG A 24 -12.33 16.98 -6.93
CA ARG A 24 -11.56 18.18 -7.22
C ARG A 24 -10.51 17.92 -8.29
N VAL A 25 -9.78 16.81 -8.19
CA VAL A 25 -8.77 16.48 -9.20
C VAL A 25 -9.42 16.33 -10.56
N LEU A 26 -10.52 15.58 -10.63
CA LEU A 26 -11.20 15.38 -11.90
C LEU A 26 -11.68 16.69 -12.51
N ARG A 27 -12.30 17.56 -11.70
N ARG A 27 -12.30 17.56 -11.70
CA ARG A 27 -12.78 18.84 -12.21
CA ARG A 27 -12.78 18.84 -12.20
C ARG A 27 -11.62 19.70 -12.69
C ARG A 27 -11.62 19.71 -12.68
N SER A 28 -10.48 19.63 -12.01
CA SER A 28 -9.30 20.36 -12.49
C SER A 28 -8.88 19.89 -13.87
N LEU A 29 -8.90 18.57 -14.10
CA LEU A 29 -8.52 18.06 -15.41
C LEU A 29 -9.53 18.48 -16.47
N GLN A 30 -10.82 18.42 -16.13
CA GLN A 30 -11.85 18.75 -17.11
C GLN A 30 -11.80 20.22 -17.52
N ALA A 31 -11.31 21.09 -16.62
CA ALA A 31 -11.24 22.52 -16.89
C ALA A 31 -9.96 22.93 -17.61
N HIS A 32 -8.97 22.05 -17.72
CA HIS A 32 -7.69 22.41 -18.30
C HIS A 32 -7.83 22.68 -19.80
N LYS A 33 -7.05 23.64 -20.30
CA LYS A 33 -7.16 24.05 -21.70
C LYS A 33 -6.87 22.89 -22.66
N MET A 34 -6.03 21.96 -22.27
CA MET A 34 -5.66 20.85 -23.14
C MET A 34 -6.50 19.60 -22.89
N ALA A 35 -7.58 19.71 -22.13
CA ALA A 35 -8.37 18.52 -21.82
C ALA A 35 -9.46 18.22 -22.84
N TRP A 36 -9.79 19.15 -23.73
CA TRP A 36 -10.96 18.92 -24.59
C TRP A 36 -10.93 17.63 -25.40
N PRO A 37 -9.77 17.12 -25.88
CA PRO A 37 -9.84 15.83 -26.59
C PRO A 37 -10.29 14.68 -25.73
N PHE A 38 -10.25 14.83 -24.40
CA PHE A 38 -10.50 13.71 -23.50
C PHE A 38 -11.80 13.83 -22.73
N LEU A 39 -12.61 14.84 -23.02
CA LEU A 39 -13.82 15.06 -22.23
C LEU A 39 -14.88 13.99 -22.49
N GLU A 40 -14.94 13.46 -23.71
CA GLU A 40 -15.97 12.51 -24.10
C GLU A 40 -15.27 11.39 -24.89
N PRO A 41 -15.91 10.25 -25.12
CA PRO A 41 -15.24 9.17 -25.86
C PRO A 41 -14.84 9.58 -27.27
N VAL A 42 -13.80 8.94 -27.78
CA VAL A 42 -13.39 9.10 -29.17
C VAL A 42 -14.52 8.66 -30.09
N ASP A 43 -14.86 9.51 -31.07
CA ASP A 43 -15.83 9.11 -32.09
C ASP A 43 -15.11 8.31 -33.15
N PRO A 44 -15.65 7.16 -33.57
CA PRO A 44 -15.00 6.39 -34.63
C PRO A 44 -14.75 7.18 -35.90
N ASN A 45 -15.56 8.20 -36.19
CA ASN A 45 -15.32 9.00 -37.39
C ASN A 45 -14.12 9.93 -37.26
N ASP A 46 -13.55 10.08 -36.07
CA ASP A 46 -12.32 10.82 -35.87
C ASP A 46 -11.08 9.94 -35.97
N ALA A 47 -11.25 8.61 -35.97
CA ALA A 47 -10.13 7.74 -35.71
C ALA A 47 -10.40 6.34 -36.25
N PRO A 48 -10.00 6.08 -37.49
CA PRO A 48 -10.23 4.76 -38.09
C PRO A 48 -9.65 3.65 -37.22
N ASP A 49 -10.44 2.59 -37.05
CA ASP A 49 -10.06 1.38 -36.34
C ASP A 49 -9.82 1.61 -34.85
N TYR A 50 -10.22 2.76 -34.31
CA TYR A 50 -9.86 3.08 -32.91
C TYR A 50 -10.27 1.97 -31.96
N TYR A 51 -11.51 1.50 -32.05
CA TYR A 51 -12.00 0.56 -31.06
C TYR A 51 -11.50 -0.86 -31.29
N GLY A 52 -11.00 -1.17 -32.49
CA GLY A 52 -10.28 -2.42 -32.69
C GLY A 52 -8.86 -2.39 -32.17
N VAL A 53 -8.23 -1.21 -32.18
CA VAL A 53 -6.84 -1.07 -31.74
C VAL A 53 -6.76 -0.90 -30.23
N ILE A 54 -7.62 -0.06 -29.65
CA ILE A 54 -7.55 0.28 -28.24
C ILE A 54 -8.36 -0.72 -27.43
N LYS A 55 -7.70 -1.45 -26.54
CA LYS A 55 -8.35 -2.53 -25.79
C LYS A 55 -9.28 -2.03 -24.70
N GLU A 56 -8.92 -0.92 -24.06
CA GLU A 56 -9.64 -0.42 -22.88
C GLU A 56 -9.79 1.09 -23.02
N PRO A 57 -10.70 1.55 -23.88
CA PRO A 57 -10.90 2.99 -24.03
C PRO A 57 -11.33 3.64 -22.71
N MET A 58 -11.00 4.92 -22.58
CA MET A 58 -11.38 5.66 -21.39
C MET A 58 -11.44 7.14 -21.74
N ASP A 59 -12.24 7.89 -20.97
CA ASP A 59 -12.39 9.32 -21.19
C ASP A 59 -12.84 9.92 -19.86
N LEU A 60 -12.79 11.25 -19.79
CA LEU A 60 -13.05 11.91 -18.53
C LEU A 60 -14.52 11.84 -18.13
N ALA A 61 -15.45 11.77 -19.08
CA ALA A 61 -16.87 11.66 -18.71
C ALA A 61 -17.16 10.30 -18.10
N THR A 62 -16.55 9.23 -18.63
CA THR A 62 -16.69 7.92 -18.03
C THR A 62 -16.12 7.89 -16.62
N MET A 63 -14.96 8.54 -16.41
CA MET A 63 -14.40 8.62 -15.07
C MET A 63 -15.31 9.40 -14.12
N GLU A 64 -15.92 10.48 -14.62
CA GLU A 64 -16.84 11.25 -13.79
C GLU A 64 -18.03 10.40 -13.35
N GLU A 65 -18.62 9.67 -14.29
CA GLU A 65 -19.69 8.75 -13.94
C GLU A 65 -19.23 7.77 -12.87
N ARG A 66 -18.05 7.19 -13.05
CA ARG A 66 -17.53 6.21 -12.10
C ARG A 66 -17.28 6.84 -10.73
N VAL A 67 -16.74 8.07 -10.70
CA VAL A 67 -16.60 8.76 -9.42
C VAL A 67 -17.95 8.96 -8.76
N GLN A 68 -18.95 9.42 -9.53
CA GLN A 68 -20.26 9.68 -8.94
C GLN A 68 -20.90 8.41 -8.40
N ARG A 69 -20.67 7.27 -9.05
CA ARG A 69 -21.20 5.98 -8.60
C ARG A 69 -20.35 5.31 -7.53
N ARG A 70 -19.26 5.94 -7.08
CA ARG A 70 -18.35 5.33 -6.09
C ARG A 70 -17.76 4.02 -6.60
N TYR A 71 -17.44 3.98 -7.90
CA TYR A 71 -16.86 2.80 -8.52
C TYR A 71 -15.49 2.46 -7.94
N TYR A 72 -14.66 3.47 -7.69
CA TYR A 72 -13.29 3.24 -7.26
C TYR A 72 -13.24 2.91 -5.77
N GLU A 73 -12.48 1.87 -5.43
CA GLU A 73 -12.22 1.52 -4.04
C GLU A 73 -10.82 1.89 -3.58
N LYS A 74 -9.86 1.97 -4.50
CA LYS A 74 -8.49 2.33 -4.17
C LYS A 74 -8.02 3.39 -5.16
N LEU A 75 -7.13 4.25 -4.68
CA LEU A 75 -6.59 5.30 -5.55
C LEU A 75 -5.92 4.72 -6.80
N THR A 76 -5.27 3.56 -6.66
N THR A 76 -5.24 3.57 -6.64
CA THR A 76 -4.61 2.93 -7.80
CA THR A 76 -4.63 2.93 -7.80
C THR A 76 -5.58 2.66 -8.95
C THR A 76 -5.61 2.77 -8.95
N GLU A 77 -6.85 2.39 -8.64
CA GLU A 77 -7.84 2.14 -9.70
C GLU A 77 -8.19 3.41 -10.44
N PHE A 78 -8.32 4.52 -9.72
CA PHE A 78 -8.57 5.82 -10.34
C PHE A 78 -7.40 6.22 -11.22
N VAL A 79 -6.17 6.07 -10.70
CA VAL A 79 -4.98 6.39 -11.47
C VAL A 79 -4.90 5.50 -12.72
N ALA A 80 -5.26 4.23 -12.59
CA ALA A 80 -5.21 3.33 -13.75
C ALA A 80 -6.16 3.80 -14.85
N ASP A 81 -7.38 4.20 -14.48
CA ASP A 81 -8.31 4.70 -15.51
C ASP A 81 -7.79 5.98 -16.14
N MET A 82 -7.27 6.91 -15.33
CA MET A 82 -6.76 8.16 -15.88
C MET A 82 -5.59 7.90 -16.80
N THR A 83 -4.69 7.00 -16.41
CA THR A 83 -3.52 6.69 -17.20
C THR A 83 -3.91 6.03 -18.52
N LYS A 84 -4.99 5.25 -18.54
CA LYS A 84 -5.49 4.70 -19.80
C LYS A 84 -5.78 5.81 -20.80
N ILE A 85 -6.37 6.92 -20.33
CA ILE A 85 -6.69 8.02 -21.24
C ILE A 85 -5.45 8.46 -22.00
N PHE A 86 -4.37 8.69 -21.26
CA PHE A 86 -3.16 9.23 -21.89
C PHE A 86 -2.42 8.16 -22.66
N ASP A 87 -2.32 6.95 -22.09
CA ASP A 87 -1.60 5.88 -22.79
C ASP A 87 -2.32 5.48 -24.06
N ASN A 88 -3.65 5.39 -24.03
CA ASN A 88 -4.40 5.06 -25.25
C ASN A 88 -4.14 6.09 -26.33
N CYS A 89 -4.16 7.36 -25.95
CA CYS A 89 -3.96 8.42 -26.94
C CYS A 89 -2.57 8.32 -27.57
N ARG A 90 -1.56 8.12 -26.74
CA ARG A 90 -0.20 8.04 -27.28
C ARG A 90 0.01 6.75 -28.06
N TYR A 91 -0.71 5.69 -27.73
CA TYR A 91 -0.56 4.44 -28.46
C TYR A 91 -1.19 4.52 -29.83
N TYR A 92 -2.38 5.11 -29.93
CA TYR A 92 -3.10 5.12 -31.20
C TYR A 92 -2.50 6.12 -32.19
N ASN A 93 -2.02 7.27 -31.69
CA ASN A 93 -1.60 8.38 -32.52
C ASN A 93 -0.09 8.44 -32.66
N PRO A 94 0.39 8.98 -33.77
CA PRO A 94 1.82 9.29 -33.88
C PRO A 94 2.18 10.44 -32.94
N SER A 95 3.49 10.56 -32.68
CA SER A 95 3.94 11.52 -31.69
C SER A 95 3.78 12.96 -32.14
N ASP A 96 3.59 13.19 -33.44
CA ASP A 96 3.35 14.55 -33.92
C ASP A 96 1.86 14.89 -34.01
N SER A 97 0.98 14.00 -33.57
CA SER A 97 -0.44 14.31 -33.49
C SER A 97 -0.69 15.37 -32.43
N PRO A 98 -1.58 16.33 -32.69
CA PRO A 98 -1.94 17.28 -31.63
C PRO A 98 -2.59 16.60 -30.44
N PHE A 99 -3.28 15.48 -30.64
CA PHE A 99 -3.87 14.78 -29.51
C PHE A 99 -2.78 14.19 -28.61
N TYR A 100 -1.74 13.62 -29.23
CA TYR A 100 -0.61 13.11 -28.47
C TYR A 100 0.00 14.23 -27.62
N GLN A 101 0.16 15.42 -28.20
CA GLN A 101 0.70 16.56 -27.47
C GLN A 101 -0.19 16.90 -26.27
N CYS A 102 -1.51 16.93 -26.47
CA CYS A 102 -2.40 17.21 -25.36
C CYS A 102 -2.25 16.17 -24.25
N ALA A 103 -2.08 14.90 -24.62
CA ALA A 103 -1.90 13.85 -23.61
C ALA A 103 -0.65 14.11 -22.77
N GLU A 104 0.44 14.54 -23.42
CA GLU A 104 1.67 14.84 -22.69
C GLU A 104 1.45 15.95 -21.67
N VAL A 105 0.82 17.04 -22.10
CA VAL A 105 0.62 18.17 -21.21
C VAL A 105 -0.35 17.81 -20.09
N LEU A 106 -1.48 17.20 -20.44
CA LEU A 106 -2.49 16.92 -19.42
C LEU A 106 -2.01 15.86 -18.43
N GLU A 107 -1.27 14.85 -18.89
CA GLU A 107 -0.75 13.90 -17.91
C GLU A 107 0.21 14.57 -16.94
N SER A 108 1.04 15.50 -17.43
CA SER A 108 1.95 16.22 -16.54
C SER A 108 1.17 16.96 -15.47
N PHE A 109 0.05 17.57 -15.86
CA PHE A 109 -0.80 18.29 -14.92
C PHE A 109 -1.43 17.32 -13.94
N PHE A 110 -1.94 16.19 -14.45
CA PHE A 110 -2.48 15.15 -13.58
C PHE A 110 -1.47 14.71 -12.54
N VAL A 111 -0.23 14.47 -12.95
CA VAL A 111 0.79 14.00 -12.01
C VAL A 111 0.98 15.02 -10.90
N GLN A 112 1.00 16.32 -11.25
CA GLN A 112 1.14 17.35 -10.22
C GLN A 112 -0.02 17.32 -9.24
N LYS A 113 -1.25 17.25 -9.77
CA LYS A 113 -2.44 17.23 -8.91
C LYS A 113 -2.50 15.94 -8.11
N LEU A 114 -2.10 14.81 -8.71
CA LEU A 114 -2.14 13.54 -8.01
C LEU A 114 -1.19 13.54 -6.81
N LYS A 115 0.01 14.06 -6.99
CA LYS A 115 0.95 14.13 -5.88
C LYS A 115 0.41 14.99 -4.74
N GLY A 116 -0.25 16.10 -5.08
CA GLY A 116 -0.88 16.91 -4.04
C GLY A 116 -1.98 16.16 -3.31
N PHE A 117 -2.78 15.40 -4.05
CA PHE A 117 -3.85 14.63 -3.41
C PHE A 117 -3.27 13.58 -2.47
N LYS A 118 -2.25 12.85 -2.93
CA LYS A 118 -1.62 11.83 -2.09
C LYS A 118 -1.07 12.43 -0.81
N ALA A 119 -0.45 13.61 -0.91
CA ALA A 119 0.08 14.26 0.29
C ALA A 119 -1.02 14.61 1.27
N SER A 120 -2.21 14.96 0.75
CA SER A 120 -3.33 15.38 1.60
C SER A 120 -3.97 14.23 2.37
N ARG A 121 -3.78 12.98 1.93
CA ARG A 121 -4.44 11.88 2.62
C ARG A 121 -3.94 11.67 4.05
N SER A 122 -2.78 12.23 4.39
CA SER A 122 -2.26 12.15 5.75
C SER A 122 -2.71 13.34 6.59
N SER B 1 2.12 -31.40 19.64
CA SER B 1 0.92 -31.03 20.40
C SER B 1 1.11 -29.67 21.06
N MET B 2 -0.01 -29.12 21.55
CA MET B 2 0.01 -27.79 22.14
C MET B 2 0.94 -27.72 23.35
N SER B 3 0.86 -28.72 24.23
CA SER B 3 1.68 -28.69 25.44
C SER B 3 3.17 -28.71 25.09
N THR B 4 3.56 -29.54 24.12
CA THR B 4 4.97 -29.57 23.73
C THR B 4 5.41 -28.24 23.17
N GLU B 5 4.58 -27.64 22.30
CA GLU B 5 4.91 -26.34 21.73
C GLU B 5 5.05 -25.27 22.81
N ASP B 6 4.12 -25.23 23.75
CA ASP B 6 4.18 -24.23 24.82
C ASP B 6 5.43 -24.40 25.66
N ALA B 7 5.75 -25.63 26.04
CA ALA B 7 6.92 -25.87 26.88
C ALA B 7 8.21 -25.51 26.14
N MET B 8 8.31 -25.85 24.85
CA MET B 8 9.50 -25.51 24.07
C MET B 8 9.65 -24.01 23.91
N THR B 9 8.54 -23.30 23.70
CA THR B 9 8.61 -21.85 23.49
C THR B 9 9.29 -21.16 24.66
N VAL B 10 8.99 -21.62 25.88
CA VAL B 10 9.52 -20.99 27.09
C VAL B 10 10.94 -21.47 27.38
N LEU B 11 11.21 -22.77 27.21
CA LEU B 11 12.38 -23.38 27.83
C LEU B 11 13.47 -23.84 26.86
N THR B 12 13.16 -24.07 25.58
CA THR B 12 14.12 -24.72 24.69
C THR B 12 14.96 -23.69 23.97
N PRO B 13 16.29 -23.71 24.12
CA PRO B 13 17.12 -22.74 23.41
C PRO B 13 16.93 -22.81 21.90
N LEU B 14 16.96 -21.64 21.26
CA LEU B 14 16.90 -21.56 19.81
C LEU B 14 18.19 -22.12 19.21
N THR B 15 18.04 -23.10 18.32
CA THR B 15 19.16 -23.72 17.63
C THR B 15 19.40 -23.02 16.29
N GLU B 16 20.46 -23.43 15.60
CA GLU B 16 20.68 -22.89 14.26
C GLU B 16 19.51 -23.22 13.33
N LYS B 17 19.00 -24.45 13.40
CA LYS B 17 17.82 -24.79 12.60
C LYS B 17 16.62 -23.93 12.99
N ASP B 18 16.40 -23.70 14.29
CA ASP B 18 15.35 -22.78 14.71
C ASP B 18 15.53 -21.41 14.07
N TYR B 19 16.77 -20.92 14.03
CA TYR B 19 17.01 -19.61 13.46
C TYR B 19 16.67 -19.55 11.97
N GLU B 20 16.91 -20.64 11.23
CA GLU B 20 16.48 -20.65 9.83
C GLU B 20 14.96 -20.50 9.74
N GLY B 21 14.23 -21.11 10.67
CA GLY B 21 12.78 -20.93 10.68
C GLY B 21 12.37 -19.52 11.07
N LEU B 22 13.10 -18.90 11.99
CA LEU B 22 12.80 -17.51 12.34
C LEU B 22 13.03 -16.58 11.17
N LYS B 23 14.12 -16.79 10.42
CA LYS B 23 14.35 -15.98 9.23
C LYS B 23 13.21 -16.14 8.23
N ARG B 24 12.73 -17.38 8.05
CA ARG B 24 11.61 -17.59 7.14
C ARG B 24 10.37 -16.84 7.61
N VAL B 25 10.07 -16.88 8.91
CA VAL B 25 8.91 -16.15 9.43
C VAL B 25 9.08 -14.66 9.20
N LEU B 26 10.27 -14.12 9.52
CA LEU B 26 10.53 -12.70 9.34
C LEU B 26 10.37 -12.29 7.88
N ARG B 27 10.97 -13.06 6.96
N ARG B 27 10.96 -13.07 6.97
CA ARG B 27 10.87 -12.71 5.54
CA ARG B 27 10.87 -12.72 5.55
C ARG B 27 9.42 -12.76 5.07
C ARG B 27 9.43 -12.77 5.06
N SER B 28 8.64 -13.71 5.57
CA SER B 28 7.22 -13.75 5.21
C SER B 28 6.51 -12.48 5.64
N LEU B 29 6.79 -12.02 6.86
CA LEU B 29 6.18 -10.77 7.31
C LEU B 29 6.64 -9.59 6.46
N GLN B 30 7.93 -9.51 6.16
CA GLN B 30 8.45 -8.39 5.39
C GLN B 30 7.88 -8.36 3.97
N ALA B 31 7.52 -9.51 3.43
CA ALA B 31 6.93 -9.59 2.09
C ALA B 31 5.43 -9.35 2.07
N HIS B 32 4.78 -9.34 3.23
CA HIS B 32 3.33 -9.22 3.25
C HIS B 32 2.92 -7.79 2.89
N LYS B 33 1.85 -7.66 2.11
CA LYS B 33 1.43 -6.32 1.67
C LYS B 33 1.13 -5.40 2.84
N MET B 34 0.62 -5.95 3.94
CA MET B 34 0.23 -5.16 5.09
C MET B 34 1.40 -4.84 6.03
N ALA B 35 2.63 -5.21 5.67
CA ALA B 35 3.76 -4.90 6.52
C ALA B 35 4.36 -3.53 6.22
N TRP B 36 3.83 -2.82 5.23
CA TRP B 36 4.40 -1.54 4.83
C TRP B 36 4.63 -0.54 5.97
N PRO B 37 3.79 -0.44 7.01
CA PRO B 37 4.08 0.53 8.07
C PRO B 37 5.22 0.11 8.99
N PHE B 38 5.65 -1.15 8.94
CA PHE B 38 6.51 -1.70 9.98
C PHE B 38 7.89 -2.08 9.49
N LEU B 39 8.19 -1.85 8.21
CA LEU B 39 9.47 -2.26 7.64
C LEU B 39 10.64 -1.46 8.21
N GLU B 40 10.41 -0.21 8.60
CA GLU B 40 11.45 0.67 9.08
C GLU B 40 10.92 1.38 10.32
N PRO B 41 11.80 1.95 11.15
CA PRO B 41 11.33 2.65 12.35
C PRO B 41 10.43 3.83 12.04
N VAL B 42 9.57 4.15 13.01
CA VAL B 42 8.69 5.32 12.89
C VAL B 42 9.52 6.58 12.85
N ASP B 43 9.26 7.43 11.84
CA ASP B 43 9.87 8.76 11.77
C ASP B 43 9.08 9.71 12.66
N PRO B 44 9.73 10.43 13.57
CA PRO B 44 8.98 11.38 14.41
C PRO B 44 8.18 12.42 13.63
N ASN B 45 8.58 12.74 12.39
CA ASN B 45 7.81 13.69 11.58
C ASN B 45 6.38 13.19 11.33
N ASP B 46 6.17 11.88 11.28
CA ASP B 46 4.86 11.32 11.00
C ASP B 46 4.05 11.06 12.26
N ALA B 47 4.62 11.33 13.43
CA ALA B 47 4.03 10.86 14.67
C ALA B 47 4.51 11.74 15.80
N PRO B 48 3.85 12.87 16.00
CA PRO B 48 4.23 13.76 17.11
C PRO B 48 4.28 13.00 18.43
N ASP B 49 5.32 13.26 19.21
CA ASP B 49 5.52 12.71 20.54
C ASP B 49 5.71 11.20 20.57
N TYR B 50 5.91 10.55 19.42
CA TYR B 50 5.92 9.09 19.37
C TYR B 50 6.89 8.48 20.37
N TYR B 51 8.14 8.97 20.38
CA TYR B 51 9.16 8.33 21.20
C TYR B 51 8.99 8.63 22.69
N GLY B 52 8.31 9.73 23.03
CA GLY B 52 7.95 9.94 24.43
C GLY B 52 6.78 9.10 24.90
N VAL B 53 5.90 8.70 23.98
CA VAL B 53 4.72 7.90 24.30
C VAL B 53 5.06 6.42 24.33
N ILE B 54 5.81 5.94 23.33
CA ILE B 54 6.08 4.51 23.18
C ILE B 54 7.35 4.16 23.94
N LYS B 55 7.23 3.28 24.93
CA LYS B 55 8.33 2.96 25.83
C LYS B 55 9.39 2.07 25.16
N GLU B 56 8.96 1.15 24.31
CA GLU B 56 9.86 0.16 23.72
C GLU B 56 9.53 0.03 22.24
N PRO B 57 9.96 1.00 21.43
CA PRO B 57 9.71 0.93 19.99
C PRO B 57 10.34 -0.30 19.35
N MET B 58 9.74 -0.75 18.26
CA MET B 58 10.24 -1.90 17.52
C MET B 58 9.74 -1.81 16.09
N ASP B 59 10.49 -2.45 15.19
CA ASP B 59 10.16 -2.47 13.78
C ASP B 59 10.83 -3.71 13.19
N LEU B 60 10.43 -4.04 11.96
CA LEU B 60 10.92 -5.28 11.36
C LEU B 60 12.39 -5.22 10.96
N ALA B 61 12.92 -4.04 10.64
CA ALA B 61 14.35 -3.95 10.34
C ALA B 61 15.20 -4.17 11.59
N THR B 62 14.77 -3.63 12.74
CA THR B 62 15.46 -3.92 13.98
C THR B 62 15.39 -5.40 14.31
N MET B 63 14.25 -6.05 14.09
N MET B 63 14.22 -6.02 14.10
CA MET B 63 14.19 -7.48 14.34
CA MET B 63 14.07 -7.47 14.26
C MET B 63 15.07 -8.27 13.38
C MET B 63 15.05 -8.23 13.39
N GLU B 64 15.17 -7.81 12.13
CA GLU B 64 16.08 -8.47 11.20
C GLU B 64 17.52 -8.41 11.70
N GLU B 65 17.94 -7.22 12.14
CA GLU B 65 19.28 -7.08 12.70
C GLU B 65 19.48 -8.03 13.88
N ARG B 66 18.50 -8.06 14.80
CA ARG B 66 18.62 -8.92 15.98
C ARG B 66 18.66 -10.40 15.59
N VAL B 67 17.86 -10.81 14.60
CA VAL B 67 17.93 -12.19 14.12
C VAL B 67 19.32 -12.48 13.55
N GLN B 68 19.83 -11.58 12.69
CA GLN B 68 21.12 -11.82 12.07
C GLN B 68 22.23 -11.92 13.12
N ARG B 69 22.14 -11.15 14.20
CA ARG B 69 23.14 -11.16 15.25
C ARG B 69 22.91 -12.26 16.28
N ARG B 70 21.89 -13.10 16.09
CA ARG B 70 21.57 -14.17 17.04
C ARG B 70 21.27 -13.62 18.44
N TYR B 71 20.53 -12.51 18.47
CA TYR B 71 20.19 -11.85 19.72
C TYR B 71 19.31 -12.74 20.61
N TYR B 72 18.38 -13.48 20.00
CA TYR B 72 17.38 -14.20 20.77
C TYR B 72 17.90 -15.55 21.26
N GLU B 73 17.66 -15.84 22.54
CA GLU B 73 17.95 -17.15 23.10
C GLU B 73 16.73 -18.05 23.18
N LYS B 74 15.55 -17.48 23.42
CA LYS B 74 14.31 -18.24 23.53
C LYS B 74 13.27 -17.63 22.61
N LEU B 75 12.36 -18.48 22.13
CA LEU B 75 11.32 -17.99 21.24
C LEU B 75 10.45 -16.93 21.90
N THR B 76 10.23 -17.04 23.21
CA THR B 76 9.45 -16.01 23.92
C THR B 76 9.97 -14.61 23.62
N GLU B 77 11.30 -14.44 23.55
CA GLU B 77 11.89 -13.12 23.36
C GLU B 77 11.63 -12.59 21.94
N PHE B 78 11.70 -13.47 20.94
CA PHE B 78 11.37 -13.08 19.58
C PHE B 78 9.90 -12.68 19.47
N VAL B 79 9.02 -13.46 20.10
CA VAL B 79 7.60 -13.14 20.05
C VAL B 79 7.33 -11.83 20.78
N ALA B 80 8.01 -11.59 21.90
CA ALA B 80 7.79 -10.35 22.62
C ALA B 80 8.21 -9.14 21.78
N ASP B 81 9.34 -9.22 21.08
CA ASP B 81 9.74 -8.10 20.23
C ASP B 81 8.74 -7.89 19.11
N MET B 82 8.30 -8.97 18.46
CA MET B 82 7.35 -8.83 17.36
C MET B 82 6.04 -8.23 17.87
N THR B 83 5.59 -8.67 19.05
CA THR B 83 4.33 -8.19 19.57
C THR B 83 4.40 -6.69 19.90
N LYS B 84 5.57 -6.18 20.31
CA LYS B 84 5.73 -4.74 20.49
C LYS B 84 5.33 -3.97 19.25
N ILE B 85 5.71 -4.48 18.06
CA ILE B 85 5.39 -3.76 16.82
C ILE B 85 3.89 -3.48 16.75
N PHE B 86 3.09 -4.53 16.97
CA PHE B 86 1.65 -4.39 16.81
C PHE B 86 1.02 -3.65 17.99
N ASP B 87 1.43 -3.98 19.22
CA ASP B 87 0.87 -3.32 20.40
C ASP B 87 1.22 -1.83 20.40
N ASN B 88 2.46 -1.47 20.07
CA ASN B 88 2.82 -0.05 20.03
C ASN B 88 1.96 0.68 19.01
N CYS B 89 1.78 0.08 17.84
CA CYS B 89 1.03 0.73 16.78
C CYS B 89 -0.41 0.98 17.22
N ARG B 90 -1.04 -0.03 17.81
CA ARG B 90 -2.42 0.14 18.22
C ARG B 90 -2.54 1.09 19.41
N TYR B 91 -1.52 1.15 20.26
CA TYR B 91 -1.56 2.05 21.41
C TYR B 91 -1.48 3.50 20.96
N TYR B 92 -0.57 3.80 20.02
CA TYR B 92 -0.34 5.19 19.64
C TYR B 92 -1.45 5.73 18.74
N ASN B 93 -2.01 4.90 17.90
CA ASN B 93 -2.89 5.36 16.82
C ASN B 93 -4.34 5.11 17.14
N PRO B 94 -5.24 5.91 16.57
CA PRO B 94 -6.67 5.61 16.64
C PRO B 94 -6.99 4.37 15.81
N SER B 95 -8.11 3.73 16.13
CA SER B 95 -8.41 2.45 15.49
C SER B 95 -8.73 2.59 14.01
N ASP B 96 -9.06 3.80 13.54
CA ASP B 96 -9.31 4.00 12.11
C ASP B 96 -8.06 4.38 11.32
N SER B 97 -6.90 4.45 11.97
CA SER B 97 -5.66 4.75 11.25
C SER B 97 -5.31 3.59 10.32
N PRO B 98 -4.82 3.86 9.10
CA PRO B 98 -4.30 2.78 8.27
C PRO B 98 -3.23 1.96 8.96
N PHE B 99 -2.38 2.58 9.79
CA PHE B 99 -1.36 1.83 10.50
C PHE B 99 -2.00 0.80 11.42
N TYR B 100 -3.01 1.23 12.18
CA TYR B 100 -3.69 0.33 13.11
C TYR B 100 -4.31 -0.83 12.38
N GLN B 101 -4.97 -0.56 11.26
CA GLN B 101 -5.56 -1.64 10.46
C GLN B 101 -4.51 -2.64 10.00
N CYS B 102 -3.36 -2.14 9.53
CA CYS B 102 -2.29 -3.03 9.12
C CYS B 102 -1.80 -3.88 10.28
N ALA B 103 -1.68 -3.29 11.48
CA ALA B 103 -1.25 -4.07 12.62
C ALA B 103 -2.18 -5.25 12.88
N GLU B 104 -3.50 -5.03 12.74
CA GLU B 104 -4.46 -6.11 12.97
C GLU B 104 -4.24 -7.26 11.98
N VAL B 105 -4.12 -6.92 10.69
CA VAL B 105 -3.92 -7.95 9.67
C VAL B 105 -2.59 -8.64 9.86
N LEU B 106 -1.51 -7.86 10.01
CA LEU B 106 -0.19 -8.46 10.06
C LEU B 106 0.01 -9.30 11.33
N GLU B 107 -0.56 -8.87 12.47
CA GLU B 107 -0.45 -9.72 13.65
C GLU B 107 -1.16 -11.05 13.43
N SER B 108 -2.34 -11.01 12.80
N SER B 108 -2.34 -11.03 12.78
CA SER B 108 -3.07 -12.25 12.51
CA SER B 108 -3.05 -12.28 12.54
C SER B 108 -2.22 -13.19 11.67
C SER B 108 -2.23 -13.21 11.66
N PHE B 109 -1.53 -12.64 10.67
CA PHE B 109 -0.66 -13.45 9.82
C PHE B 109 0.52 -13.97 10.63
N PHE B 110 1.11 -13.12 11.48
CA PHE B 110 2.19 -13.57 12.34
C PHE B 110 1.75 -14.72 13.22
N VAL B 111 0.55 -14.64 13.79
CA VAL B 111 0.10 -15.70 14.70
C VAL B 111 -0.01 -17.01 13.95
N GLN B 112 -0.51 -16.97 12.71
CA GLN B 112 -0.58 -18.18 11.90
C GLN B 112 0.81 -18.75 11.63
N LYS B 113 1.75 -17.88 11.22
CA LYS B 113 3.10 -18.35 10.91
C LYS B 113 3.83 -18.83 12.16
N LEU B 114 3.61 -18.15 13.29
CA LEU B 114 4.26 -18.56 14.53
C LEU B 114 3.81 -19.94 14.95
N LYS B 115 2.50 -20.21 14.84
CA LYS B 115 1.97 -21.53 15.19
C LYS B 115 2.57 -22.60 14.30
N GLY B 116 2.72 -22.31 13.01
CA GLY B 116 3.39 -23.25 12.12
C GLY B 116 4.83 -23.50 12.53
N PHE B 117 5.55 -22.44 12.90
CA PHE B 117 6.94 -22.60 13.34
C PHE B 117 7.01 -23.46 14.59
N LYS B 118 6.14 -23.21 15.57
CA LYS B 118 6.16 -24.02 16.79
C LYS B 118 5.88 -25.49 16.48
N ALA B 119 4.92 -25.75 15.59
CA ALA B 119 4.59 -27.12 15.25
C ALA B 119 5.78 -27.82 14.60
N SER B 120 6.44 -27.14 13.66
CA SER B 120 7.59 -27.72 12.97
C SER B 120 8.70 -28.03 13.95
N ARG B 121 8.88 -27.16 14.93
CA ARG B 121 9.92 -27.32 15.93
C ARG B 121 9.63 -28.51 16.85
N SER B 122 8.35 -28.81 17.07
CA SER B 122 7.94 -29.88 17.97
C SER B 122 7.96 -31.25 17.30
N HIS B 123 8.12 -31.31 15.99
CA HIS B 123 8.17 -32.59 15.29
C HIS B 123 8.92 -32.49 13.95
#